data_7DLZ
#
_entry.id   7DLZ
#
_cell.length_a   62.784
_cell.length_b   80.176
_cell.length_c   103.296
_cell.angle_alpha   90.000
_cell.angle_beta   91.710
_cell.angle_gamma   90.000
#
_symmetry.space_group_name_H-M   'P 1 21 1'
#
loop_
_entity.id
_entity.type
_entity.pdbx_description
1 polymer 'U1 small nuclear ribonucleoprotein A'
2 polymer 'RNA (45-MER)'
#
loop_
_entity_poly.entity_id
_entity_poly.type
_entity_poly.pdbx_seq_one_letter_code
_entity_poly.pdbx_strand_id
1 'polypeptide(L)'
;MAVPETRPNHTIYINNLNEKIKKDELKKSLYAIFSQFGQILDILVSRSLKMRGQAFVIFKEVSSATNALRSMQGFPFYDK
PMRIQYAKTDSDIIAKMKGTFV
;
A,B,C,D
2 'polyribonucleotide' GGACCUACUACGAGCGCCAUUGCACUCCGGCGCCACGGGGGGUCC X,Y
#
loop_
_chem_comp.id
_chem_comp.type
_chem_comp.name
_chem_comp.formula
A RNA linking ADENOSINE-5'-MONOPHOSPHATE 'C10 H14 N5 O7 P'
C RNA linking CYTIDINE-5'-MONOPHOSPHATE 'C9 H14 N3 O8 P'
G RNA linking GUANOSINE-5'-MONOPHOSPHATE 'C10 H14 N5 O8 P'
U RNA linking URIDINE-5'-MONOPHOSPHATE 'C9 H13 N2 O9 P'
#
# COMPACT_ATOMS: atom_id res chain seq x y z
N GLU A 5 -5.98 2.11 17.58
CA GLU A 5 -6.75 1.55 18.70
C GLU A 5 -6.39 0.09 18.93
N THR A 6 -6.01 -0.25 20.17
CA THR A 6 -5.60 -1.60 20.50
C THR A 6 -6.79 -2.55 20.70
N ARG A 7 -7.95 -2.02 21.11
CA ARG A 7 -9.04 -2.88 21.56
C ARG A 7 -9.86 -3.37 20.39
N PRO A 8 -9.96 -4.68 20.16
CA PRO A 8 -10.73 -5.18 19.01
C PRO A 8 -12.21 -4.82 19.12
N ASN A 9 -12.91 -4.89 17.99
CA ASN A 9 -14.31 -4.49 17.88
C ASN A 9 -14.92 -5.15 16.66
N HIS A 10 -16.25 -5.19 16.61
CA HIS A 10 -16.89 -5.75 15.42
C HIS A 10 -16.73 -4.83 14.23
N THR A 11 -16.48 -3.54 14.47
CA THR A 11 -16.43 -2.54 13.42
C THR A 11 -14.99 -2.07 13.25
N ILE A 12 -14.54 -2.00 11.98
CA ILE A 12 -13.24 -1.45 11.68
C ILE A 12 -13.46 -0.02 11.21
N TYR A 13 -12.55 0.87 11.60
CA TYR A 13 -12.62 2.26 11.23
C TYR A 13 -11.57 2.47 10.17
N ILE A 14 -11.98 2.80 8.94
CA ILE A 14 -11.04 2.99 7.84
C ILE A 14 -10.98 4.48 7.51
N ASN A 15 -9.77 5.00 7.30
CA ASN A 15 -9.61 6.39 6.82
C ASN A 15 -8.50 6.40 5.78
N ASN A 16 -8.13 7.62 5.37
CA ASN A 16 -7.25 7.85 4.22
C ASN A 16 -7.86 7.23 2.96
N LEU A 17 -9.16 7.45 2.79
CA LEU A 17 -9.88 6.95 1.62
C LEU A 17 -9.95 8.05 0.57
N ASN A 18 -9.97 7.64 -0.70
CA ASN A 18 -10.02 8.61 -1.80
C ASN A 18 -11.34 9.37 -1.76
N GLU A 19 -11.27 10.62 -1.32
CA GLU A 19 -12.46 11.42 -1.04
C GLU A 19 -13.27 11.73 -2.30
N LYS A 20 -12.63 11.72 -3.46
CA LYS A 20 -13.32 12.06 -4.70
C LYS A 20 -14.33 10.99 -5.15
N ILE A 21 -14.40 9.85 -4.50
CA ILE A 21 -15.21 8.73 -4.97
C ILE A 21 -16.63 8.83 -4.42
N LYS A 22 -17.62 8.55 -5.26
CA LYS A 22 -19.02 8.63 -4.87
C LYS A 22 -19.34 7.61 -3.78
N LYS A 23 -20.36 7.93 -2.97
CA LYS A 23 -20.71 7.06 -1.84
C LYS A 23 -21.11 5.66 -2.32
N ASP A 24 -21.88 5.57 -3.39
CA ASP A 24 -22.33 4.27 -3.85
C ASP A 24 -21.16 3.46 -4.39
N GLU A 25 -20.33 4.05 -5.25
CA GLU A 25 -19.17 3.33 -5.78
C GLU A 25 -18.23 2.88 -4.66
N LEU A 26 -18.18 3.66 -3.57
CA LEU A 26 -17.27 3.34 -2.46
C LEU A 26 -17.74 2.11 -1.69
N LYS A 27 -18.95 2.18 -1.11
CA LYS A 27 -19.48 1.06 -0.34
C LYS A 27 -19.44 -0.23 -1.14
N LYS A 28 -19.71 -0.13 -2.45
CA LYS A 28 -19.71 -1.32 -3.28
C LYS A 28 -18.30 -1.83 -3.48
N SER A 29 -17.31 -0.93 -3.52
CA SER A 29 -15.92 -1.37 -3.63
C SER A 29 -15.39 -1.84 -2.28
N LEU A 30 -15.85 -1.26 -1.18
CA LEU A 30 -15.44 -1.77 0.12
C LEU A 30 -16.00 -3.18 0.32
N TYR A 31 -17.28 -3.38 0.01
CA TYR A 31 -17.83 -4.72 0.10
C TYR A 31 -17.07 -5.67 -0.82
N ALA A 32 -16.56 -5.17 -1.94
CA ALA A 32 -15.82 -6.03 -2.86
C ALA A 32 -14.53 -6.54 -2.24
N ILE A 33 -14.02 -5.85 -1.22
CA ILE A 33 -12.74 -6.19 -0.62
C ILE A 33 -12.91 -6.90 0.72
N PHE A 34 -13.85 -6.47 1.55
CA PHE A 34 -13.96 -6.97 2.91
C PHE A 34 -15.01 -8.07 3.07
N SER A 35 -15.67 -8.49 2.00
CA SER A 35 -16.64 -9.59 2.07
C SER A 35 -15.94 -10.92 2.29
N GLN A 36 -14.62 -10.97 2.14
CA GLN A 36 -13.86 -12.20 2.31
C GLN A 36 -13.71 -12.60 3.77
N PHE A 37 -13.67 -11.62 4.68
CA PHE A 37 -13.36 -11.90 6.08
C PHE A 37 -14.56 -12.37 6.89
N GLY A 38 -15.77 -12.32 6.34
CA GLY A 38 -16.93 -12.78 7.08
C GLY A 38 -18.17 -12.10 6.54
N GLN A 39 -19.18 -12.05 7.40
CA GLN A 39 -20.45 -11.43 7.04
C GLN A 39 -20.40 -9.96 7.46
N ILE A 40 -20.64 -9.06 6.50
CA ILE A 40 -20.71 -7.62 6.78
C ILE A 40 -22.17 -7.28 7.07
N LEU A 41 -22.40 -6.53 8.13
CA LEU A 41 -23.76 -6.09 8.44
C LEU A 41 -24.12 -4.84 7.63
N ASP A 42 -23.42 -3.74 7.88
CA ASP A 42 -23.59 -2.53 7.09
C ASP A 42 -22.20 -1.97 6.83
N ILE A 43 -22.14 -1.02 5.90
CA ILE A 43 -20.94 -0.22 5.63
C ILE A 43 -21.42 1.22 5.64
N LEU A 44 -21.01 2.00 6.65
CA LEU A 44 -21.49 3.37 6.78
C LEU A 44 -20.48 4.31 6.15
N VAL A 45 -20.96 5.15 5.26
CA VAL A 45 -20.11 6.11 4.57
C VAL A 45 -20.82 7.46 4.53
N SER A 46 -20.05 8.52 4.75
CA SER A 46 -20.56 9.88 4.72
C SER A 46 -19.56 10.74 3.98
N ARG A 47 -20.03 11.52 3.02
CA ARG A 47 -19.16 12.42 2.29
C ARG A 47 -19.10 13.79 2.92
N SER A 48 -19.76 13.98 4.06
CA SER A 48 -19.81 15.27 4.74
C SER A 48 -18.39 15.70 5.13
N LEU A 49 -18.24 16.96 5.53
CA LEU A 49 -16.90 17.48 5.78
C LEU A 49 -16.23 16.78 6.95
N LYS A 50 -16.99 16.49 8.00
CA LYS A 50 -16.40 15.87 9.18
C LYS A 50 -16.09 14.38 8.93
N MET A 51 -17.00 13.64 8.31
CA MET A 51 -16.77 12.21 8.06
C MET A 51 -16.19 11.89 6.69
N ARG A 52 -15.43 12.81 6.09
CA ARG A 52 -15.00 12.67 4.70
C ARG A 52 -13.73 11.85 4.60
N GLY A 53 -13.76 10.86 3.71
CA GLY A 53 -12.61 10.00 3.49
C GLY A 53 -12.49 8.93 4.54
N GLN A 54 -13.61 8.57 5.16
CA GLN A 54 -13.64 7.59 6.24
C GLN A 54 -14.69 6.56 5.88
N ALA A 55 -14.72 5.46 6.61
CA ALA A 55 -15.72 4.43 6.39
C ALA A 55 -15.79 3.57 7.66
N PHE A 56 -16.91 2.87 7.80
CA PHE A 56 -17.08 1.91 8.87
C PHE A 56 -17.54 0.62 8.24
N VAL A 57 -16.87 -0.48 8.54
CA VAL A 57 -17.32 -1.80 8.11
C VAL A 57 -17.66 -2.57 9.37
N ILE A 58 -18.94 -2.91 9.52
CA ILE A 58 -19.47 -3.57 10.71
C ILE A 58 -19.61 -5.05 10.38
N PHE A 59 -18.83 -5.88 11.06
CA PHE A 59 -18.84 -7.32 10.85
C PHE A 59 -19.76 -8.03 11.85
N LYS A 60 -20.19 -9.22 11.50
CA LYS A 60 -20.93 -9.98 12.46
C LYS A 60 -20.12 -10.46 13.62
N GLU A 61 -18.95 -11.03 13.35
CA GLU A 61 -18.09 -11.58 14.39
C GLU A 61 -16.76 -10.83 14.40
N VAL A 62 -16.15 -10.71 15.59
CA VAL A 62 -14.92 -9.93 15.72
C VAL A 62 -13.80 -10.56 14.91
N SER A 63 -13.75 -11.91 14.85
CA SER A 63 -12.73 -12.61 14.08
C SER A 63 -12.66 -12.07 12.66
N SER A 64 -13.82 -11.76 12.08
CA SER A 64 -13.84 -11.16 10.76
C SER A 64 -13.12 -9.83 10.77
N ALA A 65 -13.40 -8.98 11.76
CA ALA A 65 -12.76 -7.67 11.81
C ALA A 65 -11.26 -7.81 12.05
N THR A 66 -10.85 -8.73 12.91
CA THR A 66 -9.43 -8.89 13.19
C THR A 66 -8.68 -9.37 11.95
N ASN A 67 -9.23 -10.37 11.25
CA ASN A 67 -8.62 -10.80 9.99
C ASN A 67 -8.56 -9.64 8.99
N ALA A 68 -9.61 -8.83 8.95
CA ALA A 68 -9.63 -7.71 8.00
C ALA A 68 -8.52 -6.72 8.32
N LEU A 69 -8.38 -6.34 9.59
CA LEU A 69 -7.33 -5.41 9.97
C LEU A 69 -5.96 -6.03 9.66
N ARG A 70 -5.82 -7.33 9.92
CA ARG A 70 -4.53 -7.99 9.69
C ARG A 70 -4.14 -7.96 8.22
N SER A 71 -5.08 -8.26 7.33
CA SER A 71 -4.80 -8.48 5.91
C SER A 71 -4.77 -7.20 5.07
N MET A 72 -5.72 -6.29 5.25
CA MET A 72 -5.85 -5.13 4.37
C MET A 72 -5.24 -3.85 4.94
N GLN A 73 -4.42 -3.95 5.99
CA GLN A 73 -3.81 -2.75 6.54
C GLN A 73 -2.83 -2.17 5.53
N GLY A 74 -2.92 -0.86 5.30
CA GLY A 74 -2.08 -0.17 4.35
C GLY A 74 -2.33 -0.48 2.88
N PHE A 75 -3.42 -1.17 2.55
CA PHE A 75 -3.72 -1.56 1.17
C PHE A 75 -4.08 -0.34 0.33
N PRO A 76 -3.38 -0.08 -0.79
CA PRO A 76 -3.74 1.07 -1.64
C PRO A 76 -5.04 0.91 -2.42
N PHE A 77 -6.10 1.55 -1.94
CA PHE A 77 -7.47 1.43 -2.43
C PHE A 77 -7.83 2.72 -3.14
N TYR A 78 -7.98 2.66 -4.47
CA TYR A 78 -8.14 3.87 -5.29
C TYR A 78 -6.88 4.72 -5.21
N ASP A 79 -5.74 4.08 -5.48
CA ASP A 79 -4.42 4.71 -5.47
C ASP A 79 -4.11 5.39 -4.14
N LYS A 80 -4.83 5.05 -3.06
CA LYS A 80 -4.61 5.64 -1.74
C LYS A 80 -4.57 4.53 -0.70
N PRO A 81 -3.45 4.33 0.00
CA PRO A 81 -3.35 3.24 1.00
C PRO A 81 -4.22 3.50 2.21
N MET A 82 -5.15 2.58 2.47
CA MET A 82 -6.09 2.84 3.56
C MET A 82 -5.50 2.45 4.91
N ARG A 83 -5.87 3.19 5.94
CA ARG A 83 -5.35 2.98 7.28
C ARG A 83 -6.51 2.48 8.13
N ILE A 84 -6.46 1.19 8.46
CA ILE A 84 -7.52 0.51 9.19
C ILE A 84 -7.22 0.57 10.69
N GLN A 85 -8.25 0.81 11.49
CA GLN A 85 -8.14 0.73 12.94
C GLN A 85 -9.27 -0.14 13.45
N TYR A 86 -9.34 -0.26 14.77
CA TYR A 86 -10.51 -0.80 15.42
C TYR A 86 -11.38 0.39 15.81
N ALA A 87 -12.69 0.16 15.89
CA ALA A 87 -13.59 1.25 16.21
C ALA A 87 -13.47 1.62 17.68
N LYS A 88 -13.64 2.92 17.96
CA LYS A 88 -13.62 3.43 19.33
C LYS A 88 -14.67 2.76 20.20
N THR A 89 -15.91 2.67 19.70
CA THR A 89 -17.01 2.09 20.46
C THR A 89 -17.92 1.35 19.50
N ASP A 90 -18.51 0.26 19.99
CA ASP A 90 -19.43 -0.56 19.21
C ASP A 90 -20.42 0.30 18.42
N SER A 91 -20.67 -0.11 17.18
CA SER A 91 -21.63 0.59 16.35
C SER A 91 -23.03 0.47 16.95
N ASP A 92 -23.94 1.32 16.47
CA ASP A 92 -25.30 1.32 17.02
C ASP A 92 -26.00 0.00 16.72
N ILE A 93 -25.83 -0.53 15.52
CA ILE A 93 -26.50 -1.77 15.16
C ILE A 93 -25.94 -2.94 15.98
N ILE A 94 -24.64 -2.89 16.31
CA ILE A 94 -24.05 -3.88 17.20
C ILE A 94 -24.64 -3.76 18.61
N ALA A 95 -24.74 -2.53 19.12
CA ALA A 95 -25.28 -2.31 20.46
C ALA A 95 -26.78 -2.58 20.56
N LYS A 96 -27.43 -2.93 19.46
CA LYS A 96 -28.79 -3.47 19.50
C LYS A 96 -28.80 -4.98 19.50
N MET A 97 -27.65 -5.58 19.56
CA MET A 97 -27.56 -7.00 19.66
C MET A 97 -27.20 -7.30 21.10
N LYS A 98 -26.32 -6.49 21.63
CA LYS A 98 -25.81 -6.62 22.97
C LYS A 98 -26.52 -5.72 23.92
N GLY A 99 -27.66 -5.22 23.54
CA GLY A 99 -28.40 -4.38 24.44
C GLY A 99 -27.74 -3.17 25.04
N THR A 100 -27.18 -2.30 24.23
CA THR A 100 -26.64 -1.09 24.80
C THR A 100 -27.15 0.11 24.02
N PRO B 8 1.40 28.56 3.74
CA PRO B 8 2.53 27.74 3.27
C PRO B 8 3.90 28.26 3.74
N ASN B 9 4.92 27.39 3.68
CA ASN B 9 6.28 27.71 4.06
C ASN B 9 7.18 26.69 3.39
N HIS B 10 8.47 27.03 3.24
CA HIS B 10 9.37 26.11 2.56
C HIS B 10 9.76 24.91 3.41
N THR B 11 9.66 25.00 4.73
CA THR B 11 10.04 23.92 5.61
C THR B 11 8.79 23.33 6.27
N ILE B 12 8.73 22.00 6.35
CA ILE B 12 7.60 21.30 6.97
C ILE B 12 7.98 20.89 8.39
N TYR B 13 7.00 20.93 9.28
CA TYR B 13 7.20 20.55 10.68
C TYR B 13 6.57 19.19 10.87
N ILE B 14 7.39 18.20 11.20
CA ILE B 14 6.97 16.83 11.41
C ILE B 14 7.09 16.52 12.89
N ASN B 15 6.07 15.88 13.47
CA ASN B 15 6.09 15.43 14.86
C ASN B 15 5.41 14.06 14.97
N ASN B 16 5.25 13.56 16.20
CA ASN B 16 4.82 12.18 16.50
C ASN B 16 5.77 11.13 15.92
N LEU B 17 7.06 11.37 16.11
CA LEU B 17 8.08 10.45 15.66
C LEU B 17 8.47 9.52 16.80
N ASN B 18 8.91 8.31 16.44
CA ASN B 18 9.35 7.32 17.44
C ASN B 18 10.62 7.82 18.13
N GLU B 19 10.47 8.28 19.38
CA GLU B 19 11.59 8.88 20.10
C GLU B 19 12.70 7.88 20.39
N LYS B 20 12.37 6.58 20.44
CA LYS B 20 13.30 5.52 20.78
C LYS B 20 14.40 5.31 19.72
N ILE B 21 14.30 5.98 18.56
CA ILE B 21 15.25 5.86 17.45
C ILE B 21 16.32 6.94 17.59
N LYS B 22 17.58 6.58 17.37
CA LYS B 22 18.70 7.51 17.48
C LYS B 22 18.60 8.63 16.43
N LYS B 23 19.25 9.77 16.76
CA LYS B 23 19.19 10.93 15.89
C LYS B 23 19.79 10.65 14.50
N ASP B 24 20.88 9.87 14.45
CA ASP B 24 21.55 9.61 13.18
C ASP B 24 20.67 8.78 12.26
N GLU B 25 20.13 7.69 12.78
CA GLU B 25 19.25 6.82 12.00
C GLU B 25 18.03 7.58 11.52
N LEU B 26 17.58 8.58 12.29
CA LEU B 26 16.37 9.32 11.97
C LEU B 26 16.58 10.24 10.77
N LYS B 27 17.55 11.15 10.86
CA LYS B 27 17.83 12.05 9.75
C LYS B 27 18.08 11.28 8.46
N LYS B 28 18.77 10.15 8.56
CA LYS B 28 19.09 9.39 7.36
C LYS B 28 17.86 8.68 6.80
N SER B 29 16.94 8.26 7.68
CA SER B 29 15.71 7.62 7.23
C SER B 29 14.69 8.64 6.74
N LEU B 30 14.70 9.84 7.28
CA LEU B 30 13.84 10.90 6.76
C LEU B 30 14.26 11.30 5.35
N TYR B 31 15.57 11.53 5.15
CA TYR B 31 16.06 11.82 3.81
C TYR B 31 15.75 10.68 2.86
N ALA B 32 15.68 9.45 3.37
CA ALA B 32 15.33 8.29 2.55
C ALA B 32 13.91 8.38 2.01
N ILE B 33 13.04 9.11 2.69
CA ILE B 33 11.62 9.13 2.38
C ILE B 33 11.22 10.36 1.60
N PHE B 34 11.80 11.50 1.93
CA PHE B 34 11.36 12.75 1.33
C PHE B 34 12.26 13.20 0.17
N SER B 35 13.26 12.40 -0.22
CA SER B 35 14.12 12.83 -1.33
C SER B 35 13.37 12.84 -2.65
N GLN B 36 12.22 12.19 -2.71
CA GLN B 36 11.47 12.12 -3.96
C GLN B 36 10.78 13.43 -4.31
N PHE B 37 10.43 14.24 -3.31
CA PHE B 37 9.59 15.41 -3.53
C PHE B 37 10.36 16.67 -3.94
N GLY B 38 11.69 16.66 -3.87
CA GLY B 38 12.44 17.82 -4.30
C GLY B 38 13.81 17.85 -3.64
N GLN B 39 14.41 19.03 -3.67
CA GLN B 39 15.75 19.22 -3.13
C GLN B 39 15.64 19.69 -1.69
N ILE B 40 16.20 18.89 -0.77
CA ILE B 40 16.21 19.23 0.64
C ILE B 40 17.52 19.92 0.97
N LEU B 41 17.44 21.06 1.67
CA LEU B 41 18.65 21.77 2.09
C LEU B 41 19.20 21.17 3.38
N ASP B 42 18.44 21.25 4.47
CA ASP B 42 18.83 20.62 5.72
C ASP B 42 17.63 19.94 6.34
N ILE B 43 17.92 19.07 7.31
CA ILE B 43 16.93 18.42 8.15
C ILE B 43 17.44 18.58 9.58
N LEU B 44 16.72 19.36 10.38
CA LEU B 44 17.13 19.56 11.76
C LEU B 44 16.38 18.58 12.65
N VAL B 45 17.14 17.86 13.48
CA VAL B 45 16.60 16.90 14.45
C VAL B 45 17.33 17.13 15.77
N SER B 46 16.60 17.02 16.87
CA SER B 46 17.18 17.22 18.19
C SER B 46 16.38 16.39 19.19
N ARG B 47 17.09 15.70 20.09
CA ARG B 47 16.42 14.92 21.12
C ARG B 47 16.23 15.72 22.42
N SER B 48 16.09 17.04 22.32
CA SER B 48 15.94 17.91 23.48
C SER B 48 14.58 17.65 24.13
N LEU B 49 14.38 18.15 25.34
CA LEU B 49 13.15 17.77 26.05
C LEU B 49 11.92 18.37 25.37
N LYS B 50 11.98 19.65 24.99
CA LYS B 50 10.82 20.20 24.30
C LYS B 50 10.80 19.76 22.85
N MET B 51 11.94 19.89 22.17
CA MET B 51 12.10 19.45 20.79
C MET B 51 12.52 17.99 20.76
N ARG B 52 11.54 17.09 20.68
CA ARG B 52 11.79 15.66 20.61
C ARG B 52 10.54 15.01 20.04
N GLY B 53 10.73 13.96 19.25
CA GLY B 53 9.61 13.37 18.57
C GLY B 53 9.21 14.16 17.35
N GLN B 54 9.95 15.22 17.05
CA GLN B 54 9.67 16.17 16.00
C GLN B 54 10.88 16.28 15.08
N ALA B 55 10.68 16.95 13.94
CA ALA B 55 11.74 17.16 12.96
C ALA B 55 11.38 18.32 12.05
N PHE B 56 12.38 18.86 11.37
CA PHE B 56 12.21 19.91 10.38
C PHE B 56 12.84 19.45 9.08
N VAL B 57 12.09 19.54 7.99
CA VAL B 57 12.56 19.21 6.66
C VAL B 57 12.56 20.51 5.84
N ILE B 58 13.73 20.95 5.42
CA ILE B 58 13.88 22.23 4.74
C ILE B 58 13.98 21.95 3.26
N PHE B 59 12.95 22.34 2.50
CA PHE B 59 12.90 22.14 1.06
C PHE B 59 13.46 23.36 0.33
N LYS B 60 13.82 23.15 -0.94
CA LYS B 60 14.29 24.27 -1.75
C LYS B 60 13.13 25.15 -2.19
N GLU B 61 12.02 24.55 -2.63
CA GLU B 61 10.86 25.28 -3.10
C GLU B 61 9.62 24.81 -2.34
N VAL B 62 8.67 25.73 -2.18
CA VAL B 62 7.45 25.44 -1.43
C VAL B 62 6.61 24.37 -2.13
N SER B 63 6.61 24.36 -3.46
CA SER B 63 5.86 23.35 -4.22
C SER B 63 6.23 21.93 -3.78
N SER B 64 7.52 21.69 -3.50
CA SER B 64 7.96 20.39 -3.02
C SER B 64 7.34 20.05 -1.68
N ALA B 65 7.32 21.02 -0.76
CA ALA B 65 6.79 20.80 0.58
C ALA B 65 5.30 20.51 0.53
N THR B 66 4.57 21.18 -0.36
CA THR B 66 3.13 20.94 -0.49
C THR B 66 2.85 19.52 -0.93
N ASN B 67 3.59 19.04 -1.96
CA ASN B 67 3.46 17.63 -2.37
C ASN B 67 3.96 16.69 -1.28
N ALA B 68 5.03 17.07 -0.58
CA ALA B 68 5.54 16.23 0.51
C ALA B 68 4.54 16.12 1.65
N LEU B 69 3.99 17.26 2.06
CA LEU B 69 2.96 17.26 3.09
C LEU B 69 1.73 16.51 2.62
N ARG B 70 1.39 16.67 1.34
CA ARG B 70 0.25 15.98 0.77
C ARG B 70 0.48 14.47 0.77
N SER B 71 1.68 14.04 0.39
CA SER B 71 1.93 12.63 0.12
C SER B 71 2.21 11.83 1.38
N MET B 72 3.02 12.35 2.30
CA MET B 72 3.49 11.59 3.46
C MET B 72 2.71 11.89 4.72
N GLN B 73 1.53 12.50 4.61
CA GLN B 73 0.75 12.76 5.81
C GLN B 73 0.22 11.45 6.38
N GLY B 74 0.36 11.28 7.69
CA GLY B 74 -0.10 10.06 8.32
C GLY B 74 0.72 8.85 7.97
N PHE B 75 1.93 9.03 7.42
CA PHE B 75 2.75 7.89 6.98
C PHE B 75 3.29 7.14 8.18
N PRO B 76 3.00 5.85 8.31
CA PRO B 76 3.56 5.07 9.43
C PRO B 76 5.07 4.89 9.31
N PHE B 77 5.81 5.72 10.03
CA PHE B 77 7.27 5.77 10.00
C PHE B 77 7.73 5.25 11.36
N TYR B 78 8.30 4.05 11.37
CA TYR B 78 8.64 3.35 12.60
C TYR B 78 7.39 3.04 13.42
N ASP B 79 6.43 2.35 12.79
CA ASP B 79 5.17 1.96 13.41
C ASP B 79 4.37 3.14 13.97
N LYS B 80 4.71 4.39 13.63
CA LYS B 80 4.00 5.56 14.14
C LYS B 80 3.70 6.52 12.98
N PRO B 81 2.44 6.78 12.69
CA PRO B 81 2.07 7.72 11.61
C PRO B 81 2.43 9.16 11.99
N MET B 82 3.25 9.80 11.15
CA MET B 82 3.78 11.12 11.46
C MET B 82 2.79 12.24 11.14
N ARG B 83 2.94 13.37 11.86
CA ARG B 83 2.05 14.53 11.75
C ARG B 83 2.83 15.68 11.13
N ILE B 84 2.59 15.96 9.86
CA ILE B 84 3.34 16.99 9.15
C ILE B 84 2.53 18.29 9.20
N GLN B 85 3.21 19.42 9.41
CA GLN B 85 2.60 20.74 9.30
C GLN B 85 3.49 21.64 8.45
N TYR B 86 3.08 22.90 8.33
CA TYR B 86 3.94 23.96 7.83
C TYR B 86 4.56 24.67 9.04
N ALA B 87 5.77 25.18 8.85
CA ALA B 87 6.45 25.88 9.93
C ALA B 87 5.84 27.27 10.11
N LYS B 88 5.78 27.73 11.36
CA LYS B 88 5.28 29.07 11.64
C LYS B 88 6.13 30.11 10.93
N THR B 89 7.42 30.15 11.23
CA THR B 89 8.36 31.07 10.59
C THR B 89 9.15 30.33 9.53
N ASP B 90 9.89 31.11 8.78
CA ASP B 90 10.70 30.55 7.78
C ASP B 90 11.95 30.03 8.44
N SER B 91 12.74 29.42 7.63
CA SER B 91 13.97 28.81 7.97
C SER B 91 15.09 29.80 8.10
N ASP B 92 16.28 29.29 8.41
CA ASP B 92 17.43 30.16 8.46
C ASP B 92 17.66 30.79 7.10
N ILE B 93 17.56 30.02 6.04
CA ILE B 93 17.77 30.51 4.71
C ILE B 93 16.73 31.56 4.35
N ILE B 94 17.14 32.50 3.51
CA ILE B 94 16.38 33.71 3.20
C ILE B 94 15.14 33.39 2.36
N THR C 6 1.76 -15.61 -23.38
CA THR C 6 2.92 -16.20 -22.70
C THR C 6 3.83 -15.11 -22.11
N ARG C 7 4.67 -14.50 -22.96
CA ARG C 7 5.56 -13.42 -22.53
C ARG C 7 4.74 -12.27 -21.94
N PRO C 8 5.38 -11.39 -21.13
CA PRO C 8 4.66 -10.25 -20.55
C PRO C 8 3.88 -9.39 -21.56
N ASN C 9 2.95 -8.59 -21.04
CA ASN C 9 2.02 -7.77 -21.81
C ASN C 9 1.55 -6.61 -20.93
N HIS C 10 1.06 -5.57 -21.57
CA HIS C 10 0.51 -4.49 -20.78
C HIS C 10 -0.86 -4.87 -20.21
N THR C 11 -1.46 -5.94 -20.73
CA THR C 11 -2.79 -6.38 -20.34
C THR C 11 -2.68 -7.66 -19.52
N ILE C 12 -3.42 -7.72 -18.39
CA ILE C 12 -3.53 -8.93 -17.57
C ILE C 12 -4.90 -9.53 -17.84
N TYR C 13 -4.98 -10.87 -17.81
CA TYR C 13 -6.21 -11.61 -18.03
C TYR C 13 -6.70 -12.16 -16.70
N ILE C 14 -7.88 -11.72 -16.28
CA ILE C 14 -8.44 -12.15 -15.00
C ILE C 14 -9.65 -13.03 -15.27
N ASN C 15 -9.73 -14.16 -14.55
CA ASN C 15 -10.93 -15.00 -14.57
C ASN C 15 -11.23 -15.45 -13.14
N ASN C 16 -12.24 -16.32 -13.00
CA ASN C 16 -12.81 -16.71 -11.71
C ASN C 16 -13.43 -15.50 -10.99
N LEU C 17 -14.19 -14.71 -11.73
CA LEU C 17 -14.81 -13.53 -11.15
C LEU C 17 -16.23 -13.87 -10.69
N ASN C 18 -16.69 -13.17 -9.65
CA ASN C 18 -18.01 -13.45 -9.10
C ASN C 18 -19.09 -13.07 -10.10
N GLU C 19 -19.69 -14.09 -10.70
CA GLU C 19 -20.67 -13.89 -11.77
C GLU C 19 -21.94 -13.23 -11.27
N LYS C 20 -22.22 -13.31 -9.97
CA LYS C 20 -23.43 -12.68 -9.44
C LYS C 20 -23.36 -11.15 -9.45
N ILE C 21 -22.19 -10.56 -9.70
CA ILE C 21 -22.02 -9.11 -9.62
C ILE C 21 -22.29 -8.51 -11.00
N LYS C 22 -23.02 -7.39 -11.04
CA LYS C 22 -23.29 -6.73 -12.31
C LYS C 22 -21.99 -6.19 -12.90
N LYS C 23 -21.95 -6.14 -14.24
CA LYS C 23 -20.74 -5.69 -14.93
C LYS C 23 -20.42 -4.23 -14.58
N ASP C 24 -21.44 -3.41 -14.37
CA ASP C 24 -21.20 -1.99 -14.06
C ASP C 24 -20.47 -1.84 -12.74
N GLU C 25 -20.99 -2.47 -11.68
CA GLU C 25 -20.31 -2.43 -10.39
C GLU C 25 -18.91 -3.04 -10.49
N LEU C 26 -18.75 -4.06 -11.34
CA LEU C 26 -17.50 -4.79 -11.43
C LEU C 26 -16.39 -3.91 -12.01
N LYS C 27 -16.62 -3.37 -13.21
CA LYS C 27 -15.60 -2.54 -13.84
C LYS C 27 -15.13 -1.44 -12.89
N LYS C 28 -16.06 -0.85 -12.13
CA LYS C 28 -15.68 0.22 -11.21
C LYS C 28 -14.94 -0.34 -10.01
N SER C 29 -15.29 -1.55 -9.56
CA SER C 29 -14.56 -2.13 -8.43
C SER C 29 -13.20 -2.67 -8.86
N LEU C 30 -13.07 -3.12 -10.11
CA LEU C 30 -11.74 -3.49 -10.58
C LEU C 30 -10.83 -2.27 -10.62
N TYR C 31 -11.33 -1.15 -11.17
CA TYR C 31 -10.52 0.05 -11.18
C TYR C 31 -10.10 0.45 -9.76
N ALA C 32 -10.94 0.17 -8.77
CA ALA C 32 -10.59 0.49 -7.40
C ALA C 32 -9.38 -0.30 -6.91
N ILE C 33 -9.12 -1.47 -7.49
CA ILE C 33 -8.09 -2.36 -7.01
C ILE C 33 -6.82 -2.29 -7.85
N PHE C 34 -6.94 -2.18 -9.16
CA PHE C 34 -5.77 -2.23 -10.02
C PHE C 34 -5.25 -0.86 -10.44
N SER C 35 -5.87 0.24 -10.00
CA SER C 35 -5.36 1.56 -10.38
C SER C 35 -4.04 1.88 -9.69
N GLN C 36 -3.67 1.08 -8.68
CA GLN C 36 -2.46 1.36 -7.93
C GLN C 36 -1.20 1.03 -8.69
N PHE C 37 -1.24 0.03 -9.58
CA PHE C 37 -0.04 -0.47 -10.24
C PHE C 37 0.36 0.36 -11.46
N GLY C 38 -0.44 1.34 -11.85
CA GLY C 38 -0.05 2.20 -12.95
C GLY C 38 -1.27 2.82 -13.59
N GLN C 39 -1.06 3.27 -14.81
CA GLN C 39 -2.09 3.95 -15.59
C GLN C 39 -2.85 2.92 -16.40
N ILE C 40 -4.15 2.85 -16.19
CA ILE C 40 -5.04 1.90 -16.86
C ILE C 40 -5.63 2.54 -18.11
N LEU C 41 -5.58 1.83 -19.23
CA LEU C 41 -6.18 2.33 -20.46
C LEU C 41 -7.68 2.02 -20.49
N ASP C 42 -8.01 0.74 -20.49
CA ASP C 42 -9.39 0.30 -20.40
C ASP C 42 -9.46 -0.89 -19.46
N ILE C 43 -10.68 -1.21 -19.05
CA ILE C 43 -10.99 -2.43 -18.30
C ILE C 43 -12.16 -3.10 -19.01
N LEU C 44 -11.90 -4.25 -19.64
CA LEU C 44 -12.88 -5.01 -20.39
C LEU C 44 -13.42 -6.16 -19.54
N VAL C 45 -14.74 -6.34 -19.54
CA VAL C 45 -15.39 -7.39 -18.77
C VAL C 45 -16.33 -8.15 -19.68
N SER C 46 -16.36 -9.47 -19.55
CA SER C 46 -17.12 -10.31 -20.46
C SER C 46 -18.61 -10.25 -20.16
N ARG C 47 -19.40 -9.96 -21.19
CA ARG C 47 -20.85 -9.96 -21.14
C ARG C 47 -21.45 -11.27 -21.63
N SER C 48 -20.63 -12.17 -22.15
CA SER C 48 -21.13 -13.37 -22.79
C SER C 48 -21.66 -14.38 -21.77
N LEU C 49 -22.54 -15.25 -22.28
CA LEU C 49 -23.17 -16.29 -21.46
C LEU C 49 -22.26 -17.50 -21.27
N LYS C 50 -21.57 -17.93 -22.33
CA LYS C 50 -20.75 -19.13 -22.22
C LYS C 50 -19.44 -18.86 -21.49
N MET C 51 -18.70 -17.83 -21.92
CA MET C 51 -17.47 -17.42 -21.25
C MET C 51 -17.84 -16.44 -20.14
N ARG C 52 -18.12 -16.96 -18.94
CA ARG C 52 -18.55 -16.17 -17.81
C ARG C 52 -17.45 -16.04 -16.76
N GLY C 53 -17.39 -14.88 -16.11
CA GLY C 53 -16.43 -14.65 -15.06
C GLY C 53 -15.04 -14.23 -15.50
N GLN C 54 -14.92 -13.41 -16.54
CA GLN C 54 -13.62 -13.03 -17.09
C GLN C 54 -13.51 -11.51 -17.18
N ALA C 55 -12.28 -11.02 -17.39
CA ALA C 55 -12.02 -9.60 -17.54
C ALA C 55 -10.63 -9.37 -18.14
N PHE C 56 -10.42 -8.16 -18.66
CA PHE C 56 -9.12 -7.72 -19.15
C PHE C 56 -8.80 -6.37 -18.53
N VAL C 57 -7.62 -6.22 -17.96
CA VAL C 57 -7.18 -4.92 -17.43
C VAL C 57 -5.99 -4.52 -18.29
N ILE C 58 -6.15 -3.43 -19.04
CA ILE C 58 -5.14 -2.99 -19.99
C ILE C 58 -4.37 -1.82 -19.37
N PHE C 59 -3.10 -2.05 -19.06
CA PHE C 59 -2.27 -0.99 -18.50
C PHE C 59 -1.50 -0.29 -19.62
N LYS C 60 -1.01 0.91 -19.32
CA LYS C 60 -0.22 1.61 -20.32
C LYS C 60 1.16 0.99 -20.45
N GLU C 61 1.73 0.52 -19.33
CA GLU C 61 3.08 -0.02 -19.33
C GLU C 61 3.08 -1.45 -18.81
N VAL C 62 3.99 -2.26 -19.35
CA VAL C 62 4.06 -3.67 -18.97
C VAL C 62 4.42 -3.82 -17.50
N SER C 63 5.26 -2.90 -16.98
CA SER C 63 5.62 -2.91 -15.58
C SER C 63 4.38 -2.97 -14.71
N SER C 64 3.36 -2.20 -15.09
CA SER C 64 2.14 -2.14 -14.32
C SER C 64 1.48 -3.52 -14.27
N ALA C 65 1.37 -4.18 -15.42
CA ALA C 65 0.69 -5.47 -15.49
C ALA C 65 1.45 -6.53 -14.71
N THR C 66 2.79 -6.51 -14.80
CA THR C 66 3.59 -7.50 -14.07
C THR C 66 3.45 -7.32 -12.56
N ASN C 67 3.53 -6.08 -12.08
CA ASN C 67 3.31 -5.84 -10.66
C ASN C 67 1.92 -6.28 -10.20
N ALA C 68 0.90 -6.05 -11.03
CA ALA C 68 -0.43 -6.49 -10.64
C ALA C 68 -0.48 -8.01 -10.49
N LEU C 69 0.15 -8.73 -11.43
CA LEU C 69 0.19 -10.19 -11.35
C LEU C 69 0.85 -10.67 -10.06
N ARG C 70 1.93 -10.00 -9.64
CA ARG C 70 2.61 -10.44 -8.42
C ARG C 70 1.76 -10.18 -7.18
N SER C 71 1.12 -9.02 -7.11
CA SER C 71 0.50 -8.55 -5.88
C SER C 71 -0.90 -9.11 -5.68
N MET C 72 -1.72 -9.15 -6.74
CA MET C 72 -3.12 -9.54 -6.60
C MET C 72 -3.39 -10.97 -7.03
N GLN C 73 -2.38 -11.82 -7.16
CA GLN C 73 -2.67 -13.18 -7.59
C GLN C 73 -3.44 -13.93 -6.52
N GLY C 74 -4.57 -14.51 -6.92
CA GLY C 74 -5.38 -15.24 -5.98
C GLY C 74 -6.09 -14.40 -4.95
N PHE C 75 -6.20 -13.11 -5.19
CA PHE C 75 -6.84 -12.21 -4.23
C PHE C 75 -8.35 -12.50 -4.14
N PRO C 76 -8.89 -12.83 -2.97
CA PRO C 76 -10.34 -13.04 -2.86
C PRO C 76 -11.17 -11.77 -3.07
N PHE C 77 -11.71 -11.65 -4.28
CA PHE C 77 -12.42 -10.47 -4.77
C PHE C 77 -13.89 -10.85 -4.86
N TYR C 78 -14.72 -10.26 -3.99
CA TYR C 78 -16.11 -10.68 -3.79
C TYR C 78 -16.15 -12.10 -3.26
N ASP C 79 -15.36 -12.33 -2.20
CA ASP C 79 -15.21 -13.63 -1.54
C ASP C 79 -14.74 -14.72 -2.51
N LYS C 80 -14.25 -14.33 -3.69
CA LYS C 80 -13.81 -15.28 -4.69
C LYS C 80 -12.40 -14.89 -5.14
N PRO C 81 -11.40 -15.72 -4.88
CA PRO C 81 -10.01 -15.39 -5.29
C PRO C 81 -9.86 -15.43 -6.79
N MET C 82 -9.47 -14.29 -7.36
CA MET C 82 -9.36 -14.15 -8.80
C MET C 82 -8.04 -14.74 -9.30
N ARG C 83 -8.05 -15.23 -10.55
CA ARG C 83 -6.91 -15.91 -11.14
C ARG C 83 -6.36 -15.07 -12.30
N ILE C 84 -5.20 -14.45 -12.09
CA ILE C 84 -4.61 -13.51 -13.04
C ILE C 84 -3.60 -14.22 -13.95
N GLN C 85 -3.62 -13.86 -15.24
CA GLN C 85 -2.55 -14.21 -16.18
C GLN C 85 -2.12 -13.03 -17.04
N TYR C 86 -1.24 -13.31 -17.99
CA TYR C 86 -0.93 -12.35 -19.04
C TYR C 86 -1.84 -12.65 -20.22
N ALA C 87 -2.29 -11.62 -20.92
CA ALA C 87 -3.18 -11.77 -22.03
C ALA C 87 -2.47 -12.37 -23.18
N LYS C 88 -3.15 -13.16 -23.96
CA LYS C 88 -2.50 -13.79 -25.07
C LYS C 88 -2.48 -12.89 -26.25
N THR C 89 -1.47 -12.04 -26.26
CA THR C 89 -1.22 -11.11 -27.34
C THR C 89 -2.34 -10.17 -27.62
N ASP C 90 -2.84 -10.25 -28.85
CA ASP C 90 -3.91 -9.40 -29.29
C ASP C 90 -5.23 -9.90 -28.81
N SER C 91 -5.22 -10.93 -27.99
CA SER C 91 -6.49 -11.49 -27.52
C SER C 91 -7.40 -10.43 -26.92
N ASP C 92 -6.84 -9.35 -26.37
CA ASP C 92 -7.66 -8.31 -25.75
C ASP C 92 -8.48 -7.56 -26.79
N ILE C 93 -7.83 -7.14 -27.89
CA ILE C 93 -8.54 -6.36 -28.89
C ILE C 93 -9.50 -7.25 -29.68
N ILE C 94 -9.10 -8.50 -29.90
CA ILE C 94 -9.96 -9.42 -30.65
C ILE C 94 -11.27 -9.65 -29.90
N ALA C 95 -11.21 -9.75 -28.58
CA ALA C 95 -12.46 -9.83 -27.80
C ALA C 95 -13.20 -8.50 -27.76
N LYS C 96 -12.53 -7.37 -28.06
CA LYS C 96 -13.23 -6.10 -28.11
C LYS C 96 -13.78 -5.79 -29.50
N MET C 97 -13.03 -6.13 -30.57
CA MET C 97 -13.53 -6.04 -31.94
C MET C 97 -14.54 -7.12 -32.28
N LYS C 98 -15.08 -7.79 -31.24
CA LYS C 98 -16.04 -8.88 -31.40
C LYS C 98 -17.19 -8.79 -30.40
N GLY C 99 -17.16 -7.84 -29.48
CA GLY C 99 -18.26 -7.60 -28.57
C GLY C 99 -18.41 -8.59 -27.43
N THR C 100 -17.54 -9.59 -27.30
CA THR C 100 -17.64 -10.50 -26.17
C THR C 100 -17.24 -9.82 -24.87
N PHE C 101 -16.59 -8.66 -24.96
CA PHE C 101 -16.15 -7.91 -23.79
C PHE C 101 -16.51 -6.45 -24.03
N VAL C 102 -17.15 -5.82 -23.05
CA VAL C 102 -17.49 -4.40 -23.15
C VAL C 102 -16.98 -3.62 -21.93
N GLU D 5 4.86 -17.25 -12.19
CA GLU D 5 5.66 -16.45 -11.25
C GLU D 5 5.84 -17.17 -9.90
N THR D 6 6.05 -16.41 -8.82
CA THR D 6 6.53 -16.98 -7.56
C THR D 6 5.43 -16.97 -6.50
N ARG D 7 5.21 -18.12 -5.84
CA ARG D 7 4.21 -18.27 -4.77
C ARG D 7 4.50 -17.30 -3.62
N PRO D 8 3.52 -17.03 -2.75
CA PRO D 8 3.80 -16.18 -1.59
C PRO D 8 4.84 -16.81 -0.65
N ASN D 9 5.45 -15.95 0.17
CA ASN D 9 6.49 -16.31 1.15
C ASN D 9 6.57 -15.21 2.20
N HIS D 10 7.16 -15.52 3.36
CA HIS D 10 7.25 -14.51 4.43
C HIS D 10 8.34 -13.46 4.16
N THR D 11 9.22 -13.69 3.19
CA THR D 11 10.31 -12.78 2.84
C THR D 11 10.01 -12.14 1.48
N ILE D 12 10.20 -10.79 1.38
CA ILE D 12 10.01 -10.07 0.11
C ILE D 12 11.36 -9.75 -0.51
N TYR D 13 11.40 -9.74 -1.84
CA TYR D 13 12.61 -9.44 -2.61
C TYR D 13 12.51 -8.06 -3.22
N ILE D 14 13.40 -7.18 -2.83
CA ILE D 14 13.42 -5.79 -3.29
C ILE D 14 14.60 -5.60 -4.24
N ASN D 15 14.36 -4.91 -5.35
CA ASN D 15 15.44 -4.51 -6.26
C ASN D 15 15.14 -3.09 -6.71
N ASN D 16 15.98 -2.58 -7.63
CA ASN D 16 15.95 -1.18 -8.04
C ASN D 16 16.16 -0.25 -6.83
N LEU D 17 17.12 -0.60 -5.99
CA LEU D 17 17.54 0.23 -4.86
C LEU D 17 18.79 1.02 -5.23
N ASN D 18 18.95 2.19 -4.62
CA ASN D 18 20.10 3.05 -4.88
C ASN D 18 21.38 2.43 -4.32
N GLU D 19 22.25 1.93 -5.20
CA GLU D 19 23.46 1.25 -4.73
C GLU D 19 24.39 2.21 -4.00
N LYS D 20 24.31 3.52 -4.30
CA LYS D 20 25.21 4.49 -3.72
C LYS D 20 25.04 4.65 -2.22
N ILE D 21 24.01 4.06 -1.65
CA ILE D 21 23.69 4.24 -0.24
C ILE D 21 24.42 3.14 0.53
N LYS D 22 25.08 3.52 1.63
CA LYS D 22 25.84 2.55 2.41
C LYS D 22 24.91 1.48 2.97
N LYS D 23 25.47 0.30 3.20
CA LYS D 23 24.65 -0.82 3.65
C LYS D 23 24.00 -0.52 5.00
N ASP D 24 24.72 0.17 5.89
CA ASP D 24 24.18 0.45 7.22
C ASP D 24 22.98 1.37 7.15
N GLU D 25 23.14 2.50 6.43
CA GLU D 25 22.04 3.44 6.28
C GLU D 25 20.86 2.78 5.60
N LEU D 26 21.13 1.86 4.68
CA LEU D 26 20.06 1.22 3.92
C LEU D 26 19.27 0.26 4.80
N LYS D 27 19.94 -0.77 5.34
CA LYS D 27 19.25 -1.77 6.15
C LYS D 27 18.42 -1.13 7.25
N LYS D 28 18.94 -0.07 7.86
CA LYS D 28 18.20 0.63 8.92
C LYS D 28 17.08 1.50 8.35
N SER D 29 17.23 2.04 7.13
CA SER D 29 16.12 2.81 6.55
C SER D 29 15.04 1.89 6.01
N LEU D 30 15.41 0.71 5.54
CA LEU D 30 14.37 -0.25 5.16
C LEU D 30 13.53 -0.63 6.37
N TYR D 31 14.18 -0.91 7.50
CA TYR D 31 13.43 -1.20 8.72
C TYR D 31 12.54 -0.02 9.10
N ALA D 32 12.95 1.21 8.77
CA ALA D 32 12.16 2.40 9.06
C ALA D 32 10.84 2.42 8.31
N ILE D 33 10.75 1.68 7.22
CA ILE D 33 9.60 1.72 6.33
C ILE D 33 8.68 0.51 6.51
N PHE D 34 9.26 -0.66 6.73
CA PHE D 34 8.49 -1.89 6.77
C PHE D 34 8.18 -2.34 8.19
N SER D 35 8.59 -1.59 9.21
CA SER D 35 8.29 -2.02 10.57
C SER D 35 6.81 -1.95 10.87
N GLN D 36 6.03 -1.29 10.02
CA GLN D 36 4.59 -1.12 10.24
C GLN D 36 3.82 -2.40 9.94
N PHE D 37 4.34 -3.25 9.06
CA PHE D 37 3.60 -4.42 8.60
C PHE D 37 3.75 -5.62 9.53
N GLY D 38 4.66 -5.59 10.49
CA GLY D 38 4.81 -6.72 11.39
C GLY D 38 6.22 -6.75 11.96
N GLN D 39 6.60 -7.93 12.43
CA GLN D 39 7.90 -8.15 13.03
C GLN D 39 8.87 -8.58 11.95
N ILE D 40 9.96 -7.83 11.81
CA ILE D 40 11.01 -8.17 10.86
C ILE D 40 12.03 -9.03 11.59
N LEU D 41 12.40 -10.16 10.97
CA LEU D 41 13.41 -11.02 11.56
C LEU D 41 14.82 -10.53 11.20
N ASP D 42 15.15 -10.55 9.91
CA ASP D 42 16.41 -10.00 9.43
C ASP D 42 16.14 -9.18 8.16
N ILE D 43 17.12 -8.36 7.79
CA ILE D 43 17.13 -7.63 6.53
C ILE D 43 18.51 -7.82 5.89
N LEU D 44 18.55 -8.53 4.78
CA LEU D 44 19.77 -8.82 4.05
C LEU D 44 19.91 -7.81 2.92
N VAL D 45 21.11 -7.27 2.73
CA VAL D 45 21.33 -6.22 1.73
C VAL D 45 22.52 -6.59 0.85
N SER D 46 22.41 -6.30 -0.45
CA SER D 46 23.48 -6.57 -1.41
C SER D 46 24.81 -6.05 -0.88
N ARG D 47 25.87 -6.83 -1.10
CA ARG D 47 27.15 -6.50 -0.46
C ARG D 47 27.91 -5.44 -1.25
N SER D 48 28.29 -5.73 -2.48
CA SER D 48 29.15 -4.79 -3.19
C SER D 48 28.37 -3.55 -3.63
N LEU D 49 29.14 -2.49 -3.91
CA LEU D 49 28.57 -1.23 -4.40
C LEU D 49 28.12 -1.39 -5.85
N LYS D 50 28.83 -2.25 -6.59
CA LYS D 50 28.52 -2.50 -7.99
C LYS D 50 27.20 -3.24 -8.13
N MET D 51 26.93 -4.18 -7.23
CA MET D 51 25.69 -4.94 -7.17
C MET D 51 24.47 -4.09 -7.52
N ARG D 52 23.51 -4.67 -8.23
CA ARG D 52 22.34 -3.97 -8.76
C ARG D 52 21.59 -3.16 -7.71
N GLY D 53 21.84 -3.40 -6.42
CA GLY D 53 21.11 -2.73 -5.37
C GLY D 53 19.84 -3.48 -5.05
N GLN D 54 19.96 -4.57 -4.28
CA GLN D 54 18.87 -5.44 -3.90
C GLN D 54 18.86 -5.62 -2.40
N ALA D 55 17.78 -6.21 -1.88
CA ALA D 55 17.69 -6.52 -0.46
C ALA D 55 16.58 -7.54 -0.21
N PHE D 56 16.62 -8.16 0.97
CA PHE D 56 15.61 -9.10 1.42
C PHE D 56 15.11 -8.63 2.78
N VAL D 57 13.80 -8.53 2.93
CA VAL D 57 13.19 -8.24 4.23
C VAL D 57 12.43 -9.51 4.59
N ILE D 58 12.84 -10.14 5.70
CA ILE D 58 12.30 -11.42 6.12
C ILE D 58 11.31 -11.16 7.25
N PHE D 59 10.03 -11.41 6.99
CA PHE D 59 9.01 -11.21 8.00
C PHE D 59 8.74 -12.52 8.75
N LYS D 60 8.16 -12.36 9.95
CA LYS D 60 7.82 -13.54 10.75
C LYS D 60 6.62 -14.27 10.15
N GLU D 61 5.63 -13.54 9.66
CA GLU D 61 4.46 -14.14 9.06
C GLU D 61 4.26 -13.58 7.65
N VAL D 62 3.70 -14.42 6.78
CA VAL D 62 3.52 -14.07 5.37
C VAL D 62 2.55 -12.90 5.22
N SER D 63 1.56 -12.78 6.12
CA SER D 63 0.61 -11.67 6.05
C SER D 63 1.30 -10.33 5.89
N SER D 64 2.37 -10.12 6.68
CA SER D 64 3.13 -8.88 6.61
C SER D 64 3.77 -8.69 5.25
N ALA D 65 4.37 -9.76 4.71
CA ALA D 65 4.97 -9.67 3.39
C ALA D 65 3.91 -9.41 2.34
N THR D 66 2.77 -10.09 2.46
CA THR D 66 1.71 -9.87 1.47
C THR D 66 1.26 -8.42 1.50
N ASN D 67 1.06 -7.87 2.70
CA ASN D 67 0.73 -6.44 2.78
C ASN D 67 1.85 -5.58 2.24
N ALA D 68 3.09 -5.93 2.54
CA ALA D 68 4.22 -5.11 2.13
C ALA D 68 4.31 -5.03 0.61
N LEU D 69 4.06 -6.15 -0.06
CA LEU D 69 4.11 -6.16 -1.52
C LEU D 69 3.08 -5.22 -2.13
N ARG D 70 1.86 -5.24 -1.60
CA ARG D 70 0.79 -4.37 -2.11
C ARG D 70 1.02 -2.90 -1.78
N SER D 71 1.38 -2.59 -0.53
CA SER D 71 1.36 -1.21 -0.05
C SER D 71 2.61 -0.44 -0.46
N MET D 72 3.79 -1.06 -0.35
CA MET D 72 5.03 -0.33 -0.63
C MET D 72 5.56 -0.57 -2.03
N GLN D 73 4.74 -1.11 -2.93
CA GLN D 73 5.19 -1.37 -4.29
C GLN D 73 5.47 -0.06 -5.02
N GLY D 74 6.64 0.04 -5.63
CA GLY D 74 6.93 1.27 -6.36
C GLY D 74 7.14 2.50 -5.52
N PHE D 75 7.33 2.35 -4.22
CA PHE D 75 7.53 3.49 -3.34
C PHE D 75 8.84 4.18 -3.65
N PRO D 76 8.86 5.47 -3.99
CA PRO D 76 10.14 6.13 -4.23
C PRO D 76 11.00 6.22 -2.97
N PHE D 77 11.94 5.28 -2.85
CA PHE D 77 12.82 5.13 -1.70
C PHE D 77 14.22 5.53 -2.16
N TYR D 78 14.71 6.68 -1.67
CA TYR D 78 15.95 7.28 -2.15
C TYR D 78 15.83 7.65 -3.62
N ASP D 79 14.79 8.40 -3.95
CA ASP D 79 14.51 8.88 -5.30
C ASP D 79 14.35 7.76 -6.32
N LYS D 80 14.23 6.51 -5.89
CA LYS D 80 14.14 5.38 -6.81
C LYS D 80 12.98 4.49 -6.37
N PRO D 81 11.93 4.35 -7.18
CA PRO D 81 10.77 3.55 -6.76
C PRO D 81 11.17 2.08 -6.71
N MET D 82 11.08 1.49 -5.52
CA MET D 82 11.57 0.14 -5.38
C MET D 82 10.55 -0.85 -5.89
N ARG D 83 11.03 -1.96 -6.44
CA ARG D 83 10.18 -2.95 -7.08
C ARG D 83 10.18 -4.22 -6.23
N ILE D 84 9.06 -4.46 -5.52
CA ILE D 84 8.93 -5.56 -4.57
C ILE D 84 8.36 -6.79 -5.25
N GLN D 85 8.90 -7.96 -4.90
CA GLN D 85 8.36 -9.24 -5.34
C GLN D 85 8.21 -10.14 -4.12
N TYR D 86 7.77 -11.37 -4.37
CA TYR D 86 7.89 -12.41 -3.36
C TYR D 86 9.22 -13.08 -3.59
N ALA D 87 9.86 -13.50 -2.51
CA ALA D 87 11.16 -14.13 -2.65
C ALA D 87 10.98 -15.56 -3.11
N LYS D 88 11.85 -15.99 -4.02
CA LYS D 88 11.84 -17.40 -4.39
C LYS D 88 12.16 -18.20 -3.14
N THR D 89 11.65 -19.42 -3.09
CA THR D 89 11.80 -20.27 -1.92
C THR D 89 13.23 -20.34 -1.42
N ASP D 90 13.41 -20.08 -0.12
CA ASP D 90 14.68 -20.16 0.61
C ASP D 90 15.81 -19.37 -0.04
N SER D 91 15.50 -18.49 -0.99
CA SER D 91 16.54 -17.68 -1.60
C SER D 91 17.16 -16.73 -0.57
N ASP D 92 16.38 -16.36 0.47
CA ASP D 92 16.94 -15.50 1.51
C ASP D 92 18.02 -16.24 2.29
N ILE D 93 17.75 -17.50 2.64
CA ILE D 93 18.70 -18.30 3.40
C ILE D 93 19.91 -18.64 2.54
N ILE D 94 19.67 -19.00 1.28
CA ILE D 94 20.77 -19.31 0.37
C ILE D 94 21.67 -18.10 0.15
N ALA D 95 21.07 -16.92 -0.01
CA ALA D 95 21.87 -15.71 -0.24
C ALA D 95 22.74 -15.33 0.96
N LYS D 96 22.33 -15.68 2.18
CA LYS D 96 23.13 -15.34 3.36
C LYS D 96 24.39 -16.21 3.45
N MET D 97 24.24 -17.54 3.34
CA MET D 97 25.40 -18.43 3.41
C MET D 97 26.37 -18.18 2.27
N LYS D 98 25.85 -17.94 1.06
CA LYS D 98 26.73 -17.51 -0.02
C LYS D 98 27.36 -16.14 0.25
N GLY D 99 26.88 -15.42 1.26
CA GLY D 99 27.54 -14.22 1.72
C GLY D 99 27.55 -13.06 0.74
N THR D 100 26.54 -12.98 -0.13
CA THR D 100 26.40 -11.84 -1.02
C THR D 100 25.51 -10.75 -0.41
N PHE D 101 24.77 -11.08 0.64
CA PHE D 101 23.88 -10.16 1.34
C PHE D 101 24.28 -10.12 2.81
N VAL D 102 24.23 -8.93 3.42
CA VAL D 102 24.61 -8.76 4.82
C VAL D 102 23.60 -7.89 5.57
#